data_2ZHA
#
_entry.id   2ZHA
#
_cell.length_a   58.035
_cell.length_b   58.035
_cell.length_c   433.992
_cell.angle_alpha   90.00
_cell.angle_beta   90.00
_cell.angle_gamma   90.00
#
_symmetry.space_group_name_H-M   'P 43 21 2'
#
loop_
_entity.id
_entity.type
_entity.pdbx_description
1 polymer 'tRNA (33-MER)'
2 polymer 'CCA-adding enzyme'
3 non-polymer 'MAGNESIUM ION'
4 non-polymer 'SULFATE ION'
5 non-polymer "CYTIDINE-5'-TRIPHOSPHATE"
6 water water
#
loop_
_entity_poly.entity_id
_entity_poly.type
_entity_poly.pdbx_seq_one_letter_code
_entity_poly.pdbx_strand_id
1 'polyribonucleotide' GGCCCGGGGCGGUUCGAUUCCGCCCUGGGCCAU B
2 'polypeptide(L)'
;MKVEEILEKALELVIPDEEEVRKGREAEEELRRRLDELGVEYVFVGSYARNTWLKGSLEIDVFLLFPEEFSKEELRERGL
EIGKAVLDSYEIRYAEHPYVHGVVKGVEVDVVPCYKLKEPKNIKSAVDRTPFHHKWLEGRIKGKENEVRLLKGFLKANGI
YGAEYKVRGFSGYLCELLIVFYGSFLETVKNARRWTRRTVIDVAKGEVRKGEEFFVVDPVDEKRNVAANLSLDNLARFVH
LCREFMEAPSLGFFKPKHPLEIEPERLRKIVEERGTAVFAVKFRKPDIVDDNLYPQLERASRKIFEFLERENFMPLRSAF
KASEEFCYLLFECQIKEISRVFRRMGPQFEDERNVKKFLSRNRAFRPFIENGRWWAFEMRKFTTPEEGVRSYASTHWHTL
GKNVGESIREYFEIISGEKLFKEPVTAELCEMMGVKD
;
A
#
# COMPACT_ATOMS: atom_id res chain seq x y z
N MET B 1 -20.44 27.03 -0.88
CA MET B 1 -20.51 26.54 0.53
C MET B 1 -21.37 25.28 0.72
N LYS B 2 -22.10 24.89 -0.32
CA LYS B 2 -22.92 23.67 -0.25
C LYS B 2 -22.43 22.67 -1.29
N VAL B 3 -22.55 21.39 -0.94
CA VAL B 3 -22.15 20.27 -1.78
C VAL B 3 -21.71 20.58 -3.22
N GLU B 4 -22.66 20.93 -4.08
CA GLU B 4 -22.37 21.23 -5.47
C GLU B 4 -21.43 22.40 -5.67
N GLU B 5 -21.62 23.47 -4.91
CA GLU B 5 -20.76 24.64 -5.04
C GLU B 5 -19.32 24.22 -4.75
N ILE B 6 -19.13 23.44 -3.68
CA ILE B 6 -17.81 22.94 -3.29
C ILE B 6 -17.17 22.14 -4.42
N LEU B 7 -17.93 21.20 -4.98
CA LEU B 7 -17.44 20.40 -6.08
C LEU B 7 -16.91 21.28 -7.19
N GLU B 8 -17.64 22.36 -7.48
CA GLU B 8 -17.24 23.29 -8.52
C GLU B 8 -15.83 23.80 -8.33
N LYS B 9 -15.57 24.40 -7.16
CA LYS B 9 -14.25 24.93 -6.86
C LYS B 9 -13.26 23.78 -7.00
N ALA B 10 -13.67 22.58 -6.59
CA ALA B 10 -12.84 21.39 -6.65
C ALA B 10 -12.30 21.00 -8.03
N LEU B 11 -13.08 21.27 -9.08
CA LEU B 11 -12.67 20.94 -10.44
C LEU B 11 -11.39 21.66 -10.80
N GLU B 12 -11.22 22.84 -10.23
CA GLU B 12 -10.04 23.67 -10.47
C GLU B 12 -8.80 23.11 -9.79
N LEU B 13 -8.90 21.89 -9.28
CA LEU B 13 -7.78 21.26 -8.61
C LEU B 13 -7.42 19.94 -9.29
N VAL B 14 -8.41 19.31 -9.91
CA VAL B 14 -8.22 18.04 -10.59
C VAL B 14 -8.03 18.13 -12.10
N ILE B 15 -8.84 18.95 -12.76
CA ILE B 15 -8.74 19.10 -14.21
C ILE B 15 -7.49 19.92 -14.56
N PRO B 16 -6.76 19.54 -15.61
CA PRO B 16 -5.57 20.29 -15.98
C PRO B 16 -5.97 21.59 -16.68
N ASP B 17 -4.98 22.37 -17.09
CA ASP B 17 -5.23 23.61 -17.83
C ASP B 17 -4.64 23.42 -19.23
N GLU B 18 -4.97 24.32 -20.17
CA GLU B 18 -4.47 24.17 -21.54
C GLU B 18 -2.98 23.85 -21.57
N GLU B 19 -2.18 24.79 -21.07
CA GLU B 19 -0.73 24.65 -21.02
C GLU B 19 -0.27 23.22 -20.73
N GLU B 20 -0.87 22.60 -19.73
CA GLU B 20 -0.50 21.23 -19.36
C GLU B 20 -1.01 20.19 -20.35
N VAL B 21 -2.22 20.41 -20.88
CA VAL B 21 -2.79 19.47 -21.85
C VAL B 21 -2.11 19.65 -23.20
N ARG B 22 -1.88 20.90 -23.57
CA ARG B 22 -1.21 21.25 -24.83
C ARG B 22 0.12 20.52 -24.78
N LYS B 23 0.84 20.72 -23.68
CA LYS B 23 2.11 20.08 -23.48
C LYS B 23 1.93 18.57 -23.61
N GLY B 24 0.78 18.07 -23.17
CA GLY B 24 0.51 16.66 -23.28
C GLY B 24 0.25 16.30 -24.74
N ARG B 25 -0.39 17.23 -25.44
CA ARG B 25 -0.71 17.04 -26.85
C ARG B 25 0.56 16.92 -27.70
N GLU B 26 1.36 17.98 -27.70
CA GLU B 26 2.60 17.98 -28.47
C GLU B 26 3.45 16.81 -28.06
N ALA B 27 3.30 16.40 -26.81
CA ALA B 27 4.05 15.26 -26.30
C ALA B 27 3.59 14.01 -27.06
N GLU B 28 2.31 13.70 -26.93
CA GLU B 28 1.76 12.54 -27.62
C GLU B 28 2.10 12.61 -29.12
N GLU B 29 2.18 13.83 -29.62
CA GLU B 29 2.51 14.10 -31.02
C GLU B 29 3.78 13.46 -31.58
N GLU B 30 4.92 13.90 -31.04
CA GLU B 30 6.22 13.34 -31.38
C GLU B 30 6.30 11.85 -31.09
N LEU B 31 5.81 11.47 -29.91
CA LEU B 31 5.84 10.08 -29.49
C LEU B 31 5.27 9.14 -30.56
N ARG B 32 4.22 9.57 -31.26
CA ARG B 32 3.65 8.72 -32.32
C ARG B 32 4.60 8.76 -33.50
N ARG B 33 4.94 9.97 -33.92
CA ARG B 33 5.84 10.19 -35.05
C ARG B 33 7.03 9.24 -34.99
N ARG B 34 7.77 9.30 -33.88
CA ARG B 34 8.94 8.45 -33.68
C ARG B 34 8.53 6.98 -33.74
N LEU B 35 7.49 6.66 -32.98
CA LEU B 35 6.95 5.31 -32.91
C LEU B 35 6.59 4.78 -34.28
N ASP B 36 6.11 5.69 -35.14
CA ASP B 36 5.72 5.34 -36.49
C ASP B 36 6.93 5.18 -37.39
N GLU B 37 7.88 6.11 -37.28
CA GLU B 37 9.09 6.04 -38.08
C GLU B 37 9.98 4.90 -37.58
N LEU B 38 9.34 3.82 -37.14
CA LEU B 38 10.02 2.61 -36.67
C LEU B 38 9.05 1.58 -37.20
N GLY B 39 7.78 1.95 -37.11
CA GLY B 39 6.69 1.05 -37.45
C GLY B 39 6.49 -0.13 -36.53
N VAL B 40 5.98 0.12 -35.32
CA VAL B 40 5.67 -0.97 -34.37
C VAL B 40 4.25 -0.79 -33.88
N GLU B 41 3.48 -1.86 -33.82
CA GLU B 41 2.10 -1.74 -33.38
C GLU B 41 2.05 -1.33 -31.91
N TYR B 42 1.38 -0.20 -31.66
CA TYR B 42 1.28 0.36 -30.32
C TYR B 42 -0.10 0.93 -29.97
N VAL B 43 -0.51 0.78 -28.71
CA VAL B 43 -1.79 1.33 -28.27
C VAL B 43 -1.62 2.31 -27.11
N PHE B 44 -2.20 3.49 -27.23
CA PHE B 44 -2.16 4.49 -26.17
C PHE B 44 -3.30 4.16 -25.21
N VAL B 45 -3.00 4.07 -23.93
CA VAL B 45 -4.01 3.75 -22.94
C VAL B 45 -3.76 4.58 -21.68
N GLY B 46 -4.33 4.12 -20.57
CA GLY B 46 -4.14 4.83 -19.32
C GLY B 46 -5.01 6.06 -19.21
N SER B 47 -4.87 6.78 -18.11
CA SER B 47 -5.67 7.97 -17.89
C SER B 47 -5.49 9.02 -18.97
N TYR B 48 -4.30 9.07 -19.56
CA TYR B 48 -4.04 10.09 -20.57
C TYR B 48 -4.91 9.90 -21.79
N ALA B 49 -4.83 8.72 -22.36
CA ALA B 49 -5.61 8.38 -23.53
C ALA B 49 -7.07 8.72 -23.30
N ARG B 50 -7.57 8.33 -22.13
CA ARG B 50 -8.96 8.57 -21.82
C ARG B 50 -9.29 9.91 -21.17
N ASN B 51 -8.33 10.82 -21.14
CA ASN B 51 -8.58 12.13 -20.55
C ASN B 51 -9.12 12.03 -19.12
N THR B 52 -8.44 11.28 -18.27
CA THR B 52 -8.89 11.12 -16.88
C THR B 52 -7.72 11.35 -15.94
N TRP B 53 -6.61 11.85 -16.47
CA TRP B 53 -5.46 12.09 -15.62
C TRP B 53 -5.66 13.32 -14.75
N LEU B 54 -5.02 13.29 -13.59
CA LEU B 54 -5.09 14.35 -12.58
C LEU B 54 -4.22 15.54 -12.94
N LYS B 55 -4.70 16.75 -12.61
CA LYS B 55 -3.93 17.96 -12.89
C LYS B 55 -2.55 17.84 -12.28
N GLY B 56 -1.51 18.04 -13.08
CA GLY B 56 -0.16 17.94 -12.56
C GLY B 56 0.29 16.50 -12.34
N SER B 57 -0.35 15.57 -13.04
CA SER B 57 0.01 14.16 -12.92
C SER B 57 -0.02 13.57 -14.32
N LEU B 58 0.54 14.32 -15.27
CA LEU B 58 0.58 13.88 -16.66
C LEU B 58 1.56 12.72 -16.80
N GLU B 59 1.15 11.71 -17.56
CA GLU B 59 1.99 10.53 -17.75
C GLU B 59 1.30 9.83 -18.92
N ILE B 60 2.04 9.69 -20.01
CA ILE B 60 1.60 8.96 -21.18
C ILE B 60 2.04 7.51 -21.16
N ASP B 61 1.07 6.61 -21.17
CA ASP B 61 1.34 5.18 -21.17
C ASP B 61 1.15 4.64 -22.57
N VAL B 62 2.06 3.77 -22.99
CA VAL B 62 2.02 3.15 -24.31
C VAL B 62 2.32 1.66 -24.29
N PHE B 63 1.37 0.85 -24.69
CA PHE B 63 1.58 -0.60 -24.70
C PHE B 63 1.91 -1.10 -26.09
N LEU B 64 3.06 -1.78 -26.19
CA LEU B 64 3.53 -2.34 -27.44
C LEU B 64 2.90 -3.72 -27.58
N LEU B 65 2.06 -3.87 -28.60
CA LEU B 65 1.37 -5.12 -28.83
C LEU B 65 2.15 -6.10 -29.73
N PHE B 66 2.56 -7.22 -29.15
CA PHE B 66 3.31 -8.24 -29.88
C PHE B 66 2.42 -9.46 -30.14
N PRO B 67 2.78 -10.29 -31.13
CA PRO B 67 2.03 -11.50 -31.51
C PRO B 67 1.96 -12.53 -30.40
N GLU B 68 1.00 -13.45 -30.50
CA GLU B 68 0.85 -14.51 -29.49
C GLU B 68 2.15 -15.29 -29.39
N GLU B 69 2.59 -15.78 -30.55
CA GLU B 69 3.79 -16.60 -30.69
C GLU B 69 5.08 -16.11 -30.06
N PHE B 70 5.35 -14.82 -30.11
CA PHE B 70 6.57 -14.27 -29.53
C PHE B 70 6.93 -14.72 -28.12
N SER B 71 8.22 -14.61 -27.81
CA SER B 71 8.77 -15.08 -26.54
C SER B 71 8.77 -13.89 -25.60
N LYS B 72 8.39 -14.10 -24.35
CA LYS B 72 8.36 -12.99 -23.40
C LYS B 72 9.71 -12.26 -23.40
N GLU B 73 10.77 -13.00 -23.65
CA GLU B 73 12.11 -12.43 -23.70
C GLU B 73 12.12 -11.43 -24.87
N GLU B 74 11.51 -11.83 -25.99
CA GLU B 74 11.43 -10.96 -27.16
C GLU B 74 10.67 -9.73 -26.75
N LEU B 75 9.63 -9.96 -25.94
CA LEU B 75 8.78 -8.90 -25.43
C LEU B 75 9.58 -7.83 -24.71
N ARG B 76 10.47 -8.26 -23.81
CA ARG B 76 11.30 -7.29 -23.08
C ARG B 76 12.48 -6.81 -23.90
N GLU B 77 13.15 -7.73 -24.60
CA GLU B 77 14.28 -7.35 -25.44
C GLU B 77 13.78 -6.28 -26.41
N ARG B 78 12.92 -6.72 -27.34
CA ARG B 78 12.33 -5.87 -28.37
C ARG B 78 11.60 -4.67 -27.79
N GLY B 79 10.99 -4.87 -26.63
CA GLY B 79 10.29 -3.78 -25.96
C GLY B 79 11.28 -2.70 -25.57
N LEU B 80 12.27 -3.08 -24.76
CA LEU B 80 13.29 -2.14 -24.30
C LEU B 80 13.95 -1.45 -25.48
N GLU B 81 14.28 -2.23 -26.50
CA GLU B 81 14.91 -1.70 -27.69
C GLU B 81 14.11 -0.50 -28.18
N ILE B 82 12.82 -0.71 -28.39
CA ILE B 82 11.94 0.34 -28.86
C ILE B 82 11.99 1.53 -27.90
N GLY B 83 11.63 1.30 -26.64
CA GLY B 83 11.65 2.37 -25.66
C GLY B 83 12.86 3.27 -25.76
N LYS B 84 14.01 2.63 -26.00
CA LYS B 84 15.30 3.31 -26.15
C LYS B 84 15.28 4.49 -27.14
N ALA B 85 15.08 4.17 -28.42
CA ALA B 85 15.08 5.16 -29.50
C ALA B 85 13.99 6.22 -29.43
N VAL B 86 12.78 5.77 -29.12
CA VAL B 86 11.62 6.64 -29.04
C VAL B 86 11.64 7.60 -27.84
N LEU B 87 12.37 7.26 -26.79
CA LEU B 87 12.44 8.11 -25.59
C LEU B 87 13.66 9.02 -25.46
N ASP B 88 13.42 10.27 -25.08
CA ASP B 88 14.52 11.20 -24.88
C ASP B 88 15.52 10.62 -23.88
N SER B 89 15.05 10.36 -22.67
CA SER B 89 15.87 9.82 -21.59
C SER B 89 15.30 8.54 -21.02
N TYR B 90 15.63 7.39 -21.60
CA TYR B 90 15.06 6.15 -21.07
C TYR B 90 15.64 5.76 -19.70
N GLU B 91 15.12 4.68 -19.15
CA GLU B 91 15.43 4.23 -17.78
C GLU B 91 14.73 2.88 -17.90
N ILE B 92 15.45 1.81 -17.61
CA ILE B 92 14.84 0.51 -17.36
C ILE B 92 14.11 0.50 -16.02
N ARG B 93 12.89 -0.01 -16.03
CA ARG B 93 12.06 -0.09 -14.83
C ARG B 93 11.59 -1.54 -14.70
N TYR B 94 11.25 -1.97 -13.49
CA TYR B 94 10.81 -3.35 -13.29
C TYR B 94 9.47 -3.53 -12.60
N ALA B 95 8.86 -4.68 -12.83
CA ALA B 95 7.57 -5.04 -12.27
C ALA B 95 7.40 -6.11 -13.35
N GLU B 96 6.15 -6.39 -13.72
CA GLU B 96 5.72 -7.60 -14.42
C GLU B 96 6.70 -8.20 -15.43
N HIS B 97 6.57 -7.86 -16.70
CA HIS B 97 7.66 -8.02 -17.65
C HIS B 97 8.39 -6.71 -17.32
N PRO B 98 9.64 -6.56 -17.76
CA PRO B 98 10.19 -5.25 -17.38
C PRO B 98 9.60 -4.25 -18.35
N TYR B 99 9.98 -2.99 -18.23
CA TYR B 99 9.48 -1.94 -19.13
C TYR B 99 10.40 -0.74 -19.10
N VAL B 100 10.08 0.28 -19.87
CA VAL B 100 10.92 1.46 -19.91
C VAL B 100 10.16 2.75 -19.69
N HIS B 101 10.73 3.65 -18.91
CA HIS B 101 10.10 4.93 -18.62
C HIS B 101 11.08 6.05 -18.96
N GLY B 102 10.59 7.11 -19.60
CA GLY B 102 11.46 8.21 -19.97
C GLY B 102 10.72 9.52 -20.15
N VAL B 103 11.33 10.44 -20.89
CA VAL B 103 10.71 11.74 -21.12
C VAL B 103 10.68 12.11 -22.62
N VAL B 104 9.63 12.81 -23.03
CA VAL B 104 9.48 13.25 -24.41
C VAL B 104 8.85 14.63 -24.45
N LYS B 105 9.54 15.58 -25.08
CA LYS B 105 9.03 16.94 -25.17
C LYS B 105 8.61 17.46 -23.80
N GLY B 106 9.23 16.93 -22.76
CA GLY B 106 8.94 17.41 -21.42
C GLY B 106 7.97 16.64 -20.56
N VAL B 107 7.50 15.48 -21.01
CA VAL B 107 6.55 14.72 -20.21
C VAL B 107 6.97 13.29 -19.93
N GLU B 108 6.49 12.80 -18.80
CA GLU B 108 6.75 11.44 -18.35
C GLU B 108 6.09 10.48 -19.33
N VAL B 109 6.70 9.32 -19.54
CA VAL B 109 6.14 8.37 -20.48
C VAL B 109 6.48 6.94 -20.10
N ASP B 110 5.54 6.04 -20.28
CA ASP B 110 5.78 4.64 -19.99
C ASP B 110 5.60 3.87 -21.30
N VAL B 111 6.42 2.84 -21.50
CA VAL B 111 6.33 2.00 -22.68
C VAL B 111 6.35 0.59 -22.14
N VAL B 112 5.22 -0.11 -22.23
CA VAL B 112 5.11 -1.47 -21.69
C VAL B 112 4.89 -2.54 -22.73
N PRO B 113 5.62 -3.66 -22.63
CA PRO B 113 5.48 -4.74 -23.59
C PRO B 113 4.32 -5.67 -23.23
N CYS B 114 3.48 -6.01 -24.18
CA CYS B 114 2.38 -6.92 -23.91
C CYS B 114 1.90 -7.58 -25.19
N TYR B 115 1.28 -8.74 -25.03
CA TYR B 115 0.77 -9.50 -26.16
C TYR B 115 -0.58 -9.05 -26.67
N LYS B 116 -0.62 -8.54 -27.90
CA LYS B 116 -1.87 -8.10 -28.54
C LYS B 116 -2.75 -9.33 -28.74
N LEU B 117 -3.96 -9.31 -28.18
CA LEU B 117 -4.83 -10.45 -28.31
C LEU B 117 -6.22 -10.12 -28.83
N LYS B 118 -6.95 -11.17 -29.17
CA LYS B 118 -8.33 -11.09 -29.62
C LYS B 118 -9.03 -11.91 -28.54
N GLU B 119 -10.06 -11.33 -27.94
CA GLU B 119 -10.80 -11.95 -26.84
C GLU B 119 -10.22 -12.24 -25.46
N PRO B 120 -10.63 -11.46 -24.45
CA PRO B 120 -10.01 -11.31 -23.13
C PRO B 120 -9.30 -12.58 -22.69
N LYS B 121 -9.74 -13.72 -23.22
CA LYS B 121 -9.15 -15.01 -22.92
C LYS B 121 -7.86 -15.16 -23.72
N ASN B 122 -7.02 -16.11 -23.34
CA ASN B 122 -5.71 -16.34 -23.96
C ASN B 122 -4.81 -15.39 -23.17
N ILE B 123 -5.42 -14.80 -22.13
CA ILE B 123 -4.82 -13.77 -21.30
C ILE B 123 -3.70 -14.31 -20.41
N LYS B 124 -2.48 -13.81 -20.64
CA LYS B 124 -1.33 -14.24 -19.84
C LYS B 124 -0.94 -13.50 -18.56
N SER B 125 -0.40 -12.30 -18.73
CA SER B 125 -0.13 -11.38 -17.63
C SER B 125 -1.04 -10.15 -17.58
N ALA B 126 -1.15 -9.58 -16.38
CA ALA B 126 -1.97 -8.41 -16.10
C ALA B 126 -1.90 -7.32 -17.19
N VAL B 127 -0.75 -7.18 -17.84
CA VAL B 127 -0.62 -6.17 -18.88
C VAL B 127 -1.43 -6.52 -20.14
N ASP B 128 -1.59 -7.82 -20.41
CA ASP B 128 -2.33 -8.26 -21.59
C ASP B 128 -3.82 -7.96 -21.47
N ARG B 129 -4.20 -7.41 -20.32
CA ARG B 129 -5.58 -7.11 -20.04
C ARG B 129 -5.80 -5.61 -20.22
N THR B 130 -4.76 -4.82 -19.96
CA THR B 130 -4.85 -3.37 -20.05
C THR B 130 -5.56 -2.92 -21.31
N PRO B 131 -5.10 -3.39 -22.49
CA PRO B 131 -5.70 -3.01 -23.78
C PRO B 131 -7.22 -3.20 -23.87
N PHE B 132 -7.72 -4.27 -23.26
CA PHE B 132 -9.16 -4.54 -23.25
C PHE B 132 -9.83 -3.49 -22.39
N HIS B 133 -9.16 -3.16 -21.29
CA HIS B 133 -9.68 -2.18 -20.36
C HIS B 133 -9.95 -0.89 -21.13
N HIS B 134 -8.93 -0.33 -21.76
CA HIS B 134 -9.13 0.90 -22.47
C HIS B 134 -10.26 0.81 -23.48
N LYS B 135 -10.44 -0.37 -24.08
CA LYS B 135 -11.49 -0.52 -25.07
C LYS B 135 -12.86 -0.44 -24.46
N TRP B 136 -13.11 -1.31 -23.49
CA TRP B 136 -14.40 -1.36 -22.83
C TRP B 136 -14.77 -0.01 -22.26
N LEU B 137 -13.78 0.62 -21.64
CA LEU B 137 -13.94 1.90 -20.96
C LEU B 137 -14.00 3.17 -21.82
N GLU B 138 -13.46 3.12 -23.03
CA GLU B 138 -13.43 4.32 -23.86
C GLU B 138 -14.78 4.77 -24.37
N GLY B 139 -15.63 3.82 -24.76
CA GLY B 139 -16.94 4.18 -25.26
C GLY B 139 -17.95 4.48 -24.16
N ARG B 140 -17.52 4.38 -22.90
CA ARG B 140 -18.43 4.62 -21.80
C ARG B 140 -18.08 5.79 -20.92
N ILE B 141 -16.79 5.98 -20.66
CA ILE B 141 -16.39 7.04 -19.74
C ILE B 141 -16.44 8.48 -20.28
N LYS B 142 -16.83 8.66 -21.52
CA LYS B 142 -16.85 10.01 -22.07
C LYS B 142 -17.90 10.88 -21.39
N GLY B 143 -17.62 12.18 -21.30
CA GLY B 143 -18.55 13.11 -20.68
C GLY B 143 -18.46 13.15 -19.16
N LYS B 144 -18.00 12.06 -18.58
CA LYS B 144 -17.88 11.93 -17.14
C LYS B 144 -16.43 12.04 -16.72
N GLU B 145 -15.58 12.29 -17.71
CA GLU B 145 -14.15 12.43 -17.51
C GLU B 145 -13.82 13.15 -16.21
N ASN B 146 -14.53 14.23 -15.93
CA ASN B 146 -14.29 15.01 -14.72
C ASN B 146 -14.80 14.39 -13.44
N GLU B 147 -15.82 13.55 -13.53
CA GLU B 147 -16.33 12.91 -12.33
C GLU B 147 -15.22 11.98 -11.83
N VAL B 148 -14.50 11.40 -12.79
CA VAL B 148 -13.39 10.50 -12.47
C VAL B 148 -12.34 11.32 -11.75
N ARG B 149 -11.92 12.40 -12.38
CA ARG B 149 -10.91 13.28 -11.79
C ARG B 149 -11.26 13.71 -10.39
N LEU B 150 -12.47 14.22 -10.17
CA LEU B 150 -12.85 14.62 -8.84
C LEU B 150 -12.63 13.45 -7.89
N LEU B 151 -12.94 12.22 -8.32
CA LEU B 151 -12.77 11.06 -7.45
C LEU B 151 -11.31 10.83 -7.10
N LYS B 152 -10.47 10.68 -8.12
CA LYS B 152 -9.04 10.48 -7.90
C LYS B 152 -8.54 11.53 -6.91
N GLY B 153 -8.62 12.79 -7.31
CA GLY B 153 -8.16 13.84 -6.42
C GLY B 153 -8.61 13.65 -4.97
N PHE B 154 -9.85 13.21 -4.81
CA PHE B 154 -10.42 12.97 -3.49
C PHE B 154 -9.60 11.91 -2.79
N LEU B 155 -9.55 10.72 -3.38
CA LEU B 155 -8.80 9.60 -2.83
C LEU B 155 -7.34 10.00 -2.65
N LYS B 156 -6.82 10.72 -3.63
CA LYS B 156 -5.44 11.16 -3.58
C LYS B 156 -5.16 12.02 -2.35
N ALA B 157 -5.80 13.19 -2.29
CA ALA B 157 -5.60 14.11 -1.18
C ALA B 157 -5.58 13.38 0.18
N ASN B 158 -6.27 12.23 0.27
CA ASN B 158 -6.41 11.52 1.54
C ASN B 158 -5.57 10.26 1.65
N GLY B 159 -4.55 10.18 0.81
CA GLY B 159 -3.63 9.05 0.83
C GLY B 159 -4.09 7.66 0.43
N ILE B 160 -5.23 7.52 -0.25
CA ILE B 160 -5.63 6.17 -0.65
C ILE B 160 -5.79 6.00 -2.15
N TYR B 161 -5.00 6.74 -2.93
CA TYR B 161 -5.14 6.64 -4.38
C TYR B 161 -4.36 5.53 -5.11
N GLY B 162 -3.20 5.14 -4.62
CA GLY B 162 -2.48 4.10 -5.34
C GLY B 162 -3.01 2.67 -5.20
N ALA B 163 -2.69 1.82 -6.17
CA ALA B 163 -3.08 0.42 -6.13
C ALA B 163 -1.87 -0.43 -5.78
N GLU B 164 -0.68 0.19 -5.81
CA GLU B 164 0.55 -0.49 -5.50
C GLU B 164 0.66 -0.74 -4.00
N TYR B 165 1.56 -1.64 -3.62
CA TYR B 165 1.76 -2.03 -2.23
C TYR B 165 2.18 -0.95 -1.24
N LYS B 166 2.61 0.19 -1.74
CA LYS B 166 2.99 1.26 -0.83
C LYS B 166 1.77 2.11 -0.52
N VAL B 167 0.60 1.68 -0.99
CA VAL B 167 -0.63 2.40 -0.80
C VAL B 167 -1.65 1.36 -0.36
N ARG B 168 -1.91 0.42 -1.30
CA ARG B 168 -3.01 -0.52 -1.17
C ARG B 168 -4.34 0.29 -1.16
N GLY B 169 -4.47 1.22 -2.09
CA GLY B 169 -5.69 2.00 -2.17
C GLY B 169 -6.49 1.64 -3.41
N PHE B 170 -6.99 2.67 -4.11
CA PHE B 170 -7.83 2.51 -5.32
C PHE B 170 -7.06 2.72 -6.62
N SER B 171 -7.05 1.74 -7.52
CA SER B 171 -6.34 1.97 -8.77
C SER B 171 -7.13 2.98 -9.60
N GLY B 172 -6.45 3.62 -10.55
CA GLY B 172 -7.11 4.60 -11.38
C GLY B 172 -8.20 3.91 -12.19
N TYR B 173 -7.95 2.66 -12.58
CA TYR B 173 -8.94 1.93 -13.35
C TYR B 173 -10.15 1.65 -12.48
N LEU B 174 -9.92 1.34 -11.20
CA LEU B 174 -11.04 1.09 -10.31
C LEU B 174 -11.94 2.32 -10.29
N CYS B 175 -11.31 3.50 -10.13
CA CYS B 175 -12.04 4.75 -10.12
C CYS B 175 -12.97 4.88 -11.31
N GLU B 176 -12.41 4.81 -12.50
CA GLU B 176 -13.21 4.94 -13.71
C GLU B 176 -14.43 4.04 -13.64
N LEU B 177 -14.23 2.75 -13.42
CA LEU B 177 -15.35 1.82 -13.35
C LEU B 177 -16.44 2.33 -12.41
N LEU B 178 -16.06 2.86 -11.24
CA LEU B 178 -17.08 3.35 -10.33
C LEU B 178 -17.86 4.50 -10.97
N ILE B 179 -17.17 5.48 -11.55
CA ILE B 179 -17.85 6.61 -12.19
C ILE B 179 -18.85 6.11 -13.25
N VAL B 180 -18.50 5.04 -13.94
CA VAL B 180 -19.37 4.47 -14.95
C VAL B 180 -20.61 3.89 -14.29
N PHE B 181 -20.39 3.16 -13.19
CA PHE B 181 -21.45 2.53 -12.43
C PHE B 181 -22.41 3.50 -11.72
N TYR B 182 -21.86 4.49 -11.04
CA TYR B 182 -22.69 5.44 -10.31
C TYR B 182 -23.03 6.69 -11.13
N GLY B 183 -22.30 6.91 -12.21
CA GLY B 183 -22.58 8.06 -13.06
C GLY B 183 -21.97 9.39 -12.66
N SER B 184 -21.63 9.53 -11.38
CA SER B 184 -21.06 10.80 -10.93
C SER B 184 -20.23 10.63 -9.68
N PHE B 185 -19.37 11.61 -9.39
CA PHE B 185 -18.54 11.56 -8.20
C PHE B 185 -19.39 11.67 -6.96
N LEU B 186 -20.40 12.53 -7.02
CA LEU B 186 -21.28 12.70 -5.88
C LEU B 186 -22.08 11.45 -5.59
N GLU B 187 -22.57 10.80 -6.63
CA GLU B 187 -23.36 9.58 -6.48
C GLU B 187 -22.59 8.44 -5.82
N THR B 188 -21.31 8.31 -6.21
CA THR B 188 -20.41 7.27 -5.67
C THR B 188 -20.20 7.50 -4.18
N VAL B 189 -19.80 8.71 -3.83
CA VAL B 189 -19.56 9.04 -2.44
C VAL B 189 -20.79 8.69 -1.61
N LYS B 190 -21.95 9.15 -2.06
CA LYS B 190 -23.19 8.89 -1.34
C LYS B 190 -23.40 7.41 -1.12
N ASN B 191 -23.28 6.64 -2.20
CA ASN B 191 -23.49 5.20 -2.12
C ASN B 191 -22.45 4.40 -1.36
N ALA B 192 -21.20 4.84 -1.40
CA ALA B 192 -20.13 4.14 -0.72
C ALA B 192 -20.33 4.18 0.80
N ARG B 193 -21.15 5.11 1.27
CA ARG B 193 -21.40 5.21 2.69
C ARG B 193 -22.11 3.98 3.23
N ARG B 194 -22.71 3.21 2.34
CA ARG B 194 -23.43 2.00 2.74
C ARG B 194 -22.65 0.72 2.35
N TRP B 195 -21.45 0.89 1.78
CA TRP B 195 -20.60 -0.25 1.40
C TRP B 195 -20.12 -1.02 2.63
N THR B 196 -19.86 -2.31 2.45
CA THR B 196 -19.36 -3.12 3.55
C THR B 196 -18.15 -3.89 3.07
N ARG B 197 -17.58 -4.65 4.00
CA ARG B 197 -16.41 -5.45 3.70
C ARG B 197 -16.85 -6.65 2.88
N ARG B 198 -18.15 -6.79 2.69
CA ARG B 198 -18.68 -7.92 1.92
C ARG B 198 -19.45 -7.47 0.67
N THR B 199 -19.09 -6.30 0.15
CA THR B 199 -19.76 -5.75 -1.01
C THR B 199 -19.17 -6.08 -2.38
N VAL B 200 -20.03 -6.61 -3.24
CA VAL B 200 -19.64 -6.98 -4.60
C VAL B 200 -20.29 -6.06 -5.63
N ILE B 201 -19.46 -5.52 -6.52
CA ILE B 201 -19.95 -4.62 -7.54
C ILE B 201 -19.67 -5.19 -8.92
N ASP B 202 -20.74 -5.55 -9.61
CA ASP B 202 -20.66 -6.13 -10.94
C ASP B 202 -21.09 -5.09 -11.97
N VAL B 203 -20.13 -4.28 -12.40
CA VAL B 203 -20.38 -3.23 -13.39
C VAL B 203 -20.99 -3.78 -14.67
N ALA B 204 -20.50 -4.94 -15.08
CA ALA B 204 -20.99 -5.58 -16.30
C ALA B 204 -22.44 -5.99 -16.15
N LYS B 205 -22.89 -6.17 -14.91
CA LYS B 205 -24.27 -6.57 -14.70
C LYS B 205 -25.06 -5.50 -13.97
N GLY B 206 -24.49 -4.30 -13.88
CA GLY B 206 -25.23 -3.19 -13.29
C GLY B 206 -25.71 -3.55 -11.89
N GLU B 207 -25.12 -4.62 -11.37
CA GLU B 207 -25.50 -5.14 -10.06
C GLU B 207 -24.52 -4.91 -8.91
N VAL B 208 -25.05 -5.07 -7.70
CA VAL B 208 -24.29 -4.95 -6.47
C VAL B 208 -24.84 -6.08 -5.63
N ARG B 209 -23.98 -6.77 -4.90
CA ARG B 209 -24.47 -7.85 -4.07
C ARG B 209 -23.54 -8.13 -2.90
N LYS B 210 -23.90 -9.16 -2.15
CA LYS B 210 -23.15 -9.58 -0.98
C LYS B 210 -22.27 -10.74 -1.43
N GLY B 211 -21.01 -10.71 -1.03
CA GLY B 211 -20.09 -11.77 -1.40
C GLY B 211 -19.24 -12.07 -0.19
N GLU B 212 -18.15 -12.82 -0.37
CA GLU B 212 -17.29 -13.13 0.75
C GLU B 212 -16.49 -11.91 1.18
N GLU B 213 -15.87 -11.24 0.22
CA GLU B 213 -15.04 -10.06 0.51
C GLU B 213 -15.27 -8.94 -0.51
N PHE B 214 -14.82 -7.72 -0.18
CA PHE B 214 -15.01 -6.59 -1.09
C PHE B 214 -14.54 -6.98 -2.47
N PHE B 215 -15.43 -6.84 -3.45
CA PHE B 215 -15.11 -7.27 -4.79
C PHE B 215 -15.78 -6.42 -5.87
N VAL B 216 -14.96 -5.82 -6.73
CA VAL B 216 -15.46 -5.02 -7.85
C VAL B 216 -15.09 -5.85 -9.10
N VAL B 217 -16.04 -6.65 -9.58
CA VAL B 217 -15.72 -7.47 -10.72
C VAL B 217 -15.47 -6.68 -12.00
N ASP B 218 -14.39 -7.08 -12.68
CA ASP B 218 -13.83 -6.52 -13.92
C ASP B 218 -14.75 -6.75 -15.13
N PRO B 219 -15.14 -5.68 -15.83
CA PRO B 219 -16.01 -5.82 -16.99
C PRO B 219 -15.47 -6.86 -17.96
N VAL B 220 -14.19 -6.74 -18.22
CA VAL B 220 -13.44 -7.60 -19.12
C VAL B 220 -13.10 -9.01 -18.61
N ASP B 221 -13.04 -9.19 -17.29
CA ASP B 221 -12.72 -10.51 -16.73
C ASP B 221 -13.55 -10.74 -15.47
N GLU B 222 -14.68 -11.41 -15.63
CA GLU B 222 -15.60 -11.67 -14.54
C GLU B 222 -14.96 -12.29 -13.32
N LYS B 223 -13.70 -12.69 -13.44
CA LYS B 223 -13.06 -13.43 -12.37
C LYS B 223 -12.05 -12.58 -11.62
N ARG B 224 -11.67 -11.45 -12.19
CA ARG B 224 -10.72 -10.56 -11.53
C ARG B 224 -11.39 -9.63 -10.54
N ASN B 225 -10.62 -9.15 -9.58
CA ASN B 225 -11.14 -8.19 -8.63
C ASN B 225 -10.34 -6.91 -8.82
N VAL B 226 -10.87 -5.98 -9.60
CA VAL B 226 -10.18 -4.71 -9.85
C VAL B 226 -9.62 -4.13 -8.56
N ALA B 227 -10.42 -4.18 -7.49
CA ALA B 227 -10.03 -3.65 -6.18
C ALA B 227 -9.38 -4.67 -5.22
N ALA B 228 -8.83 -5.74 -5.78
CA ALA B 228 -8.18 -6.77 -5.00
C ALA B 228 -7.08 -6.29 -4.04
N ASN B 229 -6.24 -5.34 -4.48
CA ASN B 229 -5.15 -4.85 -3.64
C ASN B 229 -5.53 -3.64 -2.76
N LEU B 230 -6.80 -3.54 -2.40
CA LEU B 230 -7.30 -2.44 -1.58
C LEU B 230 -7.48 -2.95 -0.16
N SER B 231 -6.53 -2.66 0.70
CA SER B 231 -6.59 -3.11 2.08
C SER B 231 -7.95 -2.77 2.68
N LEU B 232 -8.41 -3.67 3.53
CA LEU B 232 -9.66 -3.50 4.23
C LEU B 232 -9.70 -2.20 5.02
N ASP B 233 -8.61 -1.88 5.72
CA ASP B 233 -8.58 -0.64 6.51
C ASP B 233 -8.78 0.60 5.63
N ASN B 234 -8.16 0.60 4.46
CA ASN B 234 -8.31 1.71 3.53
C ASN B 234 -9.74 1.79 3.00
N LEU B 235 -10.31 0.62 2.70
CA LEU B 235 -11.69 0.53 2.23
C LEU B 235 -12.52 1.27 3.26
N ALA B 236 -12.40 0.83 4.51
CA ALA B 236 -13.12 1.45 5.61
C ALA B 236 -12.83 2.95 5.73
N ARG B 237 -11.56 3.33 5.62
CA ARG B 237 -11.18 4.73 5.74
C ARG B 237 -11.88 5.59 4.69
N PHE B 238 -12.18 5.00 3.55
CA PHE B 238 -12.87 5.70 2.47
C PHE B 238 -14.33 5.82 2.86
N VAL B 239 -14.97 4.68 3.04
CA VAL B 239 -16.37 4.66 3.45
C VAL B 239 -16.65 5.77 4.45
N HIS B 240 -15.72 5.96 5.38
CA HIS B 240 -15.87 6.97 6.41
C HIS B 240 -15.70 8.40 5.88
N LEU B 241 -14.71 8.59 5.02
CA LEU B 241 -14.50 9.91 4.46
C LEU B 241 -15.76 10.34 3.73
N CYS B 242 -16.46 9.37 3.17
CA CYS B 242 -17.66 9.65 2.43
C CYS B 242 -18.77 10.11 3.34
N ARG B 243 -19.03 9.35 4.39
CA ARG B 243 -20.07 9.77 5.31
C ARG B 243 -19.73 11.20 5.71
N GLU B 244 -18.52 11.40 6.22
CA GLU B 244 -18.07 12.71 6.67
C GLU B 244 -18.22 13.82 5.67
N PHE B 245 -17.75 13.58 4.44
CA PHE B 245 -17.87 14.62 3.44
C PHE B 245 -19.31 15.05 3.27
N MET B 246 -20.20 14.07 3.15
CA MET B 246 -21.62 14.34 2.97
C MET B 246 -22.20 15.16 4.12
N GLU B 247 -21.87 14.81 5.35
CA GLU B 247 -22.42 15.54 6.48
C GLU B 247 -21.90 16.97 6.48
N ALA B 248 -20.71 17.18 5.94
CA ALA B 248 -20.16 18.52 5.90
C ALA B 248 -19.26 18.68 4.69
N PRO B 249 -19.83 19.07 3.54
CA PRO B 249 -19.00 19.24 2.34
C PRO B 249 -17.84 20.18 2.62
N SER B 250 -16.74 20.01 1.91
CA SER B 250 -15.60 20.89 2.10
C SER B 250 -14.61 20.71 0.95
N LEU B 251 -14.01 21.82 0.54
CA LEU B 251 -12.93 21.78 -0.42
C LEU B 251 -11.75 21.00 0.18
N GLY B 252 -11.63 21.08 1.50
CA GLY B 252 -10.55 20.40 2.21
C GLY B 252 -10.25 18.96 1.83
N PHE B 253 -11.29 18.16 1.61
CA PHE B 253 -11.09 16.76 1.23
C PHE B 253 -10.40 16.65 -0.13
N PHE B 254 -10.17 17.77 -0.77
CA PHE B 254 -9.53 17.76 -2.09
C PHE B 254 -8.13 18.39 -2.04
N LYS B 255 -7.68 18.73 -0.83
CA LYS B 255 -6.36 19.31 -0.62
C LYS B 255 -5.54 18.40 0.29
N PRO B 256 -4.33 18.04 -0.13
CA PRO B 256 -3.49 17.16 0.69
C PRO B 256 -3.19 17.87 2.00
N LYS B 257 -3.24 17.13 3.10
CA LYS B 257 -2.97 17.70 4.40
C LYS B 257 -1.46 17.90 4.52
N HIS B 258 -1.05 18.95 5.23
CA HIS B 258 0.37 19.20 5.38
C HIS B 258 0.95 18.26 6.44
N PRO B 259 2.19 17.78 6.23
CA PRO B 259 2.92 16.86 7.11
C PRO B 259 3.04 17.20 8.60
N LEU B 260 2.52 18.34 9.02
CA LEU B 260 2.46 18.67 10.45
C LEU B 260 3.71 18.63 11.34
N GLU B 261 4.76 19.32 10.89
CA GLU B 261 6.09 19.18 11.46
C GLU B 261 6.03 19.49 12.96
N ILE B 262 6.39 18.50 13.75
CA ILE B 262 6.38 18.62 15.22
C ILE B 262 7.82 18.63 15.72
N GLU B 263 8.09 19.39 16.78
CA GLU B 263 9.43 19.46 17.34
C GLU B 263 9.69 18.28 18.28
N PRO B 264 10.86 17.66 18.17
CA PRO B 264 11.20 16.53 19.02
C PRO B 264 10.89 16.65 20.52
N GLU B 265 10.90 17.85 21.09
CA GLU B 265 10.62 17.97 22.52
C GLU B 265 9.15 17.68 22.80
N ARG B 266 8.25 18.18 21.94
CA ARG B 266 6.82 17.94 22.15
C ARG B 266 6.54 16.45 22.03
N LEU B 267 7.22 15.79 21.10
CA LEU B 267 7.04 14.36 20.94
C LEU B 267 7.51 13.68 22.23
N ARG B 268 8.72 14.04 22.69
CA ARG B 268 9.28 13.45 23.90
C ARG B 268 8.32 13.61 25.07
N LYS B 269 7.67 14.76 25.17
CA LYS B 269 6.72 15.01 26.24
C LYS B 269 5.46 14.18 26.12
N ILE B 270 5.11 13.82 24.89
CA ILE B 270 3.92 13.00 24.66
C ILE B 270 4.24 11.57 25.05
N VAL B 271 5.37 11.05 24.54
CA VAL B 271 5.73 9.70 24.88
C VAL B 271 5.85 9.54 26.38
N GLU B 272 6.33 10.57 27.06
CA GLU B 272 6.46 10.47 28.49
C GLU B 272 5.12 10.50 29.19
N GLU B 273 4.22 11.29 28.64
CA GLU B 273 2.87 11.38 29.18
C GLU B 273 2.21 10.04 28.95
N ARG B 274 2.59 9.34 27.90
CA ARG B 274 1.98 8.05 27.65
C ARG B 274 2.59 6.99 28.55
N GLY B 275 3.78 7.28 29.07
CA GLY B 275 4.46 6.33 29.94
C GLY B 275 4.66 5.01 29.25
N THR B 276 4.68 5.04 27.93
CA THR B 276 4.86 3.83 27.13
C THR B 276 6.31 3.60 26.73
N ALA B 277 6.56 2.45 26.11
CA ALA B 277 7.89 2.11 25.63
C ALA B 277 7.83 2.23 24.13
N VAL B 278 8.50 3.24 23.59
CA VAL B 278 8.54 3.46 22.14
C VAL B 278 9.95 3.27 21.63
N PHE B 279 10.13 2.36 20.68
CA PHE B 279 11.46 2.13 20.12
C PHE B 279 11.41 1.80 18.62
N ALA B 280 12.58 1.72 17.99
CA ALA B 280 12.63 1.41 16.56
C ALA B 280 13.77 0.47 16.14
N VAL B 281 13.50 -0.30 15.09
CA VAL B 281 14.46 -1.22 14.54
C VAL B 281 14.95 -0.61 13.25
N LYS B 282 16.24 -0.27 13.20
CA LYS B 282 16.83 0.38 12.05
C LYS B 282 17.84 -0.49 11.33
N PHE B 283 17.73 -0.52 10.00
CA PHE B 283 18.62 -1.33 9.18
C PHE B 283 18.72 -0.79 7.75
N ARG B 284 19.85 -1.04 7.09
CA ARG B 284 20.05 -0.58 5.71
C ARG B 284 18.95 -1.05 4.76
N LYS B 285 18.29 -0.09 4.12
CA LYS B 285 17.20 -0.37 3.19
C LYS B 285 17.69 -1.25 2.06
N PRO B 286 16.96 -2.35 1.76
CA PRO B 286 17.41 -3.21 0.67
C PRO B 286 17.25 -2.40 -0.62
N ASP B 287 17.91 -2.82 -1.69
CA ASP B 287 17.82 -2.12 -2.97
C ASP B 287 16.93 -3.07 -3.79
N ILE B 288 15.63 -2.98 -3.55
CA ILE B 288 14.62 -3.62 -4.39
C ILE B 288 13.56 -2.57 -4.64
N VAL B 289 12.62 -2.83 -5.54
CA VAL B 289 11.58 -1.85 -5.81
C VAL B 289 10.55 -1.80 -4.66
N ASP B 290 9.74 -0.73 -4.64
CA ASP B 290 8.75 -0.55 -3.60
C ASP B 290 7.76 -1.69 -3.50
N ASP B 291 7.30 -2.23 -4.62
CA ASP B 291 6.33 -3.31 -4.55
C ASP B 291 6.89 -4.56 -3.92
N ASN B 292 8.21 -4.60 -3.80
CA ASN B 292 8.86 -5.75 -3.19
C ASN B 292 9.19 -5.37 -1.76
N LEU B 293 9.63 -4.13 -1.56
CA LEU B 293 10.00 -3.64 -0.23
C LEU B 293 8.97 -3.49 0.91
N TYR B 294 8.03 -2.59 0.72
CA TYR B 294 6.81 -2.50 1.53
C TYR B 294 6.08 -3.79 2.01
N PRO B 295 5.77 -4.72 1.10
CA PRO B 295 5.21 -5.97 1.61
C PRO B 295 6.08 -6.66 2.66
N GLN B 296 7.41 -6.53 2.49
CA GLN B 296 8.36 -7.12 3.44
C GLN B 296 8.43 -6.29 4.72
N LEU B 297 8.42 -4.96 4.59
CA LEU B 297 8.43 -4.10 5.76
C LEU B 297 7.16 -4.38 6.55
N GLU B 298 6.12 -4.84 5.87
CA GLU B 298 4.86 -5.15 6.52
C GLU B 298 4.98 -6.44 7.31
N ARG B 299 5.42 -7.48 6.63
CA ARG B 299 5.61 -8.78 7.24
C ARG B 299 6.47 -8.66 8.51
N ALA B 300 7.67 -8.11 8.36
CA ALA B 300 8.63 -7.93 9.45
C ALA B 300 8.00 -7.16 10.60
N SER B 301 7.33 -6.06 10.26
CA SER B 301 6.66 -5.22 11.24
C SER B 301 5.68 -6.13 12.03
N ARG B 302 4.99 -6.99 11.30
CA ARG B 302 4.00 -7.89 11.88
C ARG B 302 4.60 -9.00 12.75
N LYS B 303 5.56 -9.72 12.18
CA LYS B 303 6.21 -10.82 12.89
C LYS B 303 6.79 -10.36 14.23
N ILE B 304 7.39 -9.18 14.26
CA ILE B 304 7.97 -8.70 15.50
C ILE B 304 6.87 -8.34 16.47
N PHE B 305 5.85 -7.64 15.94
CA PHE B 305 4.71 -7.22 16.76
C PHE B 305 4.12 -8.42 17.50
N GLU B 306 4.00 -9.54 16.79
CA GLU B 306 3.48 -10.77 17.35
C GLU B 306 4.39 -11.32 18.44
N PHE B 307 5.70 -11.32 18.19
CA PHE B 307 6.63 -11.79 19.20
C PHE B 307 6.36 -10.95 20.44
N LEU B 308 6.24 -9.63 20.24
CA LEU B 308 5.98 -8.70 21.33
C LEU B 308 4.72 -9.04 22.11
N GLU B 309 3.61 -9.36 21.43
CA GLU B 309 2.42 -9.66 22.20
C GLU B 309 2.42 -11.01 22.89
N ARG B 310 2.91 -12.06 22.24
CA ARG B 310 2.92 -13.34 22.95
C ARG B 310 3.91 -13.27 24.10
N GLU B 311 4.89 -12.39 23.97
CA GLU B 311 5.90 -12.25 25.01
C GLU B 311 5.41 -11.27 26.07
N ASN B 312 4.12 -10.97 26.03
CA ASN B 312 3.48 -10.11 27.02
C ASN B 312 3.91 -8.66 27.18
N PHE B 313 4.49 -8.05 26.16
CA PHE B 313 4.90 -6.68 26.35
C PHE B 313 3.78 -5.70 26.11
N MET B 314 2.69 -6.18 25.51
CA MET B 314 1.51 -5.37 25.22
C MET B 314 1.48 -4.30 24.14
N PRO B 315 2.12 -4.59 23.01
CA PRO B 315 2.40 -3.59 21.98
C PRO B 315 1.08 -2.86 21.82
N LEU B 316 1.10 -1.62 21.30
CA LEU B 316 -0.13 -0.88 21.07
C LEU B 316 -0.35 -0.84 19.57
N ARG B 317 0.71 -0.51 18.84
CA ARG B 317 0.64 -0.43 17.39
C ARG B 317 2.04 -0.59 16.84
N SER B 318 2.16 -0.54 15.52
CA SER B 318 3.46 -0.62 14.89
C SER B 318 3.42 0.25 13.65
N ALA B 319 4.59 0.62 13.16
CA ALA B 319 4.66 1.44 11.96
C ALA B 319 5.99 1.15 11.30
N PHE B 320 6.20 1.74 10.13
CA PHE B 320 7.46 1.56 9.43
C PHE B 320 7.71 2.67 8.42
N LYS B 321 8.97 3.08 8.33
CA LYS B 321 9.34 4.15 7.42
C LYS B 321 10.55 3.74 6.60
N ALA B 322 10.62 4.23 5.36
CA ALA B 322 11.73 3.93 4.47
C ALA B 322 12.28 5.22 3.90
N SER B 323 13.58 5.46 4.09
CA SER B 323 14.21 6.64 3.52
C SER B 323 15.14 6.11 2.44
N GLU B 324 15.86 6.99 1.75
CA GLU B 324 16.75 6.51 0.71
C GLU B 324 17.79 5.57 1.30
N GLU B 325 18.26 5.92 2.49
CA GLU B 325 19.29 5.14 3.18
C GLU B 325 18.85 3.90 3.99
N PHE B 326 18.09 4.08 5.06
CA PHE B 326 17.68 2.92 5.86
C PHE B 326 16.17 2.73 6.00
N CYS B 327 15.83 1.75 6.84
CA CYS B 327 14.46 1.43 7.14
C CYS B 327 14.23 1.55 8.64
N TYR B 328 12.97 1.60 9.03
CA TYR B 328 12.64 1.71 10.43
C TYR B 328 11.36 0.95 10.75
N LEU B 329 11.42 0.08 11.76
CA LEU B 329 10.25 -0.65 12.19
C LEU B 329 9.92 -0.10 13.57
N LEU B 330 8.86 0.69 13.62
CA LEU B 330 8.42 1.33 14.86
C LEU B 330 7.44 0.49 15.69
N PHE B 331 7.59 0.57 17.02
CA PHE B 331 6.72 -0.12 17.98
C PHE B 331 6.58 0.71 19.26
N GLU B 332 5.41 0.61 19.90
CA GLU B 332 5.14 1.32 21.14
C GLU B 332 4.46 0.31 22.04
N CYS B 333 5.12 -0.07 23.13
CA CYS B 333 4.54 -1.05 24.04
C CYS B 333 4.08 -0.46 25.36
N GLN B 334 3.14 -1.16 25.99
CA GLN B 334 2.59 -0.73 27.26
C GLN B 334 3.50 -1.15 28.39
N ILE B 335 4.33 -2.16 28.17
CA ILE B 335 5.24 -2.60 29.22
C ILE B 335 6.69 -2.18 28.99
N LYS B 336 7.20 -1.25 29.78
CA LYS B 336 8.59 -0.86 29.62
C LYS B 336 9.46 -1.98 30.18
N GLU B 337 9.13 -2.47 31.37
CA GLU B 337 9.89 -3.56 31.98
C GLU B 337 8.94 -4.59 32.55
N ILE B 338 9.37 -5.85 32.69
CA ILE B 338 8.50 -6.89 33.23
C ILE B 338 9.28 -7.81 34.15
N SER B 339 8.60 -8.44 35.09
CA SER B 339 9.27 -9.31 36.05
C SER B 339 10.00 -10.42 35.34
N ARG B 340 10.99 -10.99 36.01
CA ARG B 340 11.74 -12.08 35.41
C ARG B 340 11.01 -13.41 35.63
N VAL B 341 10.29 -13.52 36.73
CA VAL B 341 9.54 -14.75 36.98
C VAL B 341 8.18 -14.66 36.30
N PHE B 342 7.72 -15.80 35.80
CA PHE B 342 6.41 -15.90 35.18
C PHE B 342 5.91 -17.31 35.48
N ARG B 343 4.61 -17.52 35.32
CA ARG B 343 4.06 -18.83 35.59
C ARG B 343 3.80 -19.56 34.30
N ARG B 344 4.11 -20.85 34.32
CA ARG B 344 3.90 -21.72 33.17
C ARG B 344 2.98 -22.81 33.66
N MET B 345 1.87 -22.98 32.98
CA MET B 345 0.90 -23.99 33.36
C MET B 345 1.47 -25.41 33.29
N GLY B 346 0.98 -26.27 34.16
CA GLY B 346 1.44 -27.65 34.20
C GLY B 346 0.26 -28.61 34.05
N PRO B 347 0.50 -29.92 34.15
CA PRO B 347 -0.55 -30.93 34.02
C PRO B 347 -1.58 -30.91 35.14
N GLN B 348 -2.69 -31.61 34.95
CA GLN B 348 -3.72 -31.69 35.98
C GLN B 348 -3.17 -32.64 37.04
N PHE B 349 -3.45 -32.35 38.31
CA PHE B 349 -2.93 -33.17 39.41
C PHE B 349 -3.05 -34.70 39.34
N GLU B 350 -4.19 -35.23 38.91
CA GLU B 350 -4.31 -36.69 38.87
C GLU B 350 -3.46 -37.37 37.82
N ASP B 351 -3.00 -36.64 36.81
CA ASP B 351 -2.17 -37.24 35.78
C ASP B 351 -0.75 -37.44 36.31
N GLU B 352 -0.55 -38.52 37.06
CA GLU B 352 0.75 -38.84 37.64
C GLU B 352 1.94 -38.83 36.67
N ARG B 353 1.86 -39.63 35.62
CA ARG B 353 2.93 -39.74 34.63
C ARG B 353 3.53 -38.38 34.28
N ASN B 354 2.69 -37.46 33.85
CA ASN B 354 3.16 -36.14 33.46
C ASN B 354 3.61 -35.26 34.64
N VAL B 355 2.96 -35.41 35.78
CA VAL B 355 3.35 -34.61 36.91
C VAL B 355 4.81 -34.91 37.21
N LYS B 356 5.14 -36.19 37.23
CA LYS B 356 6.50 -36.60 37.51
C LYS B 356 7.41 -35.82 36.60
N LYS B 357 7.24 -36.05 35.31
CA LYS B 357 8.05 -35.37 34.29
C LYS B 357 8.17 -33.86 34.52
N PHE B 358 7.04 -33.19 34.76
CA PHE B 358 7.01 -31.75 34.98
C PHE B 358 7.82 -31.33 36.22
N LEU B 359 7.75 -32.12 37.27
CA LEU B 359 8.46 -31.79 38.49
C LEU B 359 9.93 -32.19 38.46
N SER B 360 10.33 -33.01 37.51
CA SER B 360 11.73 -33.41 37.44
C SER B 360 12.62 -32.27 36.93
N ARG B 361 12.06 -31.41 36.08
CA ARG B 361 12.81 -30.27 35.54
C ARG B 361 13.13 -29.33 36.70
N ASN B 362 14.38 -29.35 37.14
CA ASN B 362 14.80 -28.50 38.26
C ASN B 362 14.87 -27.03 37.90
N ARG B 363 14.16 -26.22 38.67
CA ARG B 363 14.10 -24.79 38.49
C ARG B 363 14.40 -24.11 39.81
N ALA B 364 14.63 -22.81 39.75
CA ALA B 364 14.96 -22.05 40.95
C ALA B 364 13.88 -21.90 42.00
N PHE B 365 12.61 -22.12 41.65
CA PHE B 365 11.58 -21.87 42.63
C PHE B 365 10.59 -22.89 43.20
N ARG B 366 10.61 -24.14 42.77
CA ARG B 366 9.68 -25.10 43.40
C ARG B 366 8.23 -24.74 43.07
N PRO B 367 7.60 -25.52 42.18
CA PRO B 367 6.21 -25.38 41.72
C PRO B 367 5.11 -25.60 42.77
N PHE B 368 3.90 -25.17 42.43
CA PHE B 368 2.75 -25.26 43.33
C PHE B 368 1.51 -25.78 42.61
N ILE B 369 0.46 -26.04 43.37
CA ILE B 369 -0.81 -26.54 42.85
C ILE B 369 -1.89 -25.48 42.99
N GLU B 370 -2.66 -25.28 41.93
CA GLU B 370 -3.73 -24.30 41.94
C GLU B 370 -4.90 -24.86 41.14
N ASN B 371 -6.06 -24.98 41.77
CA ASN B 371 -7.24 -25.52 41.11
C ASN B 371 -6.98 -26.84 40.42
N GLY B 372 -6.58 -27.83 41.22
CA GLY B 372 -6.36 -29.15 40.70
C GLY B 372 -5.24 -29.38 39.72
N ARG B 373 -4.39 -28.38 39.51
CA ARG B 373 -3.29 -28.60 38.59
C ARG B 373 -2.02 -27.88 38.98
N TRP B 374 -0.87 -28.44 38.58
CA TRP B 374 0.42 -27.86 38.90
C TRP B 374 0.81 -26.70 38.01
N TRP B 375 1.58 -25.78 38.59
CA TRP B 375 2.10 -24.60 37.89
C TRP B 375 3.54 -24.47 38.39
N ALA B 376 4.39 -23.87 37.57
CA ALA B 376 5.78 -23.70 37.94
C ALA B 376 6.21 -22.28 37.67
N PHE B 377 7.18 -21.83 38.44
CA PHE B 377 7.76 -20.50 38.30
C PHE B 377 8.97 -20.58 37.36
N GLU B 378 8.93 -19.81 36.28
CA GLU B 378 10.04 -19.82 35.34
C GLU B 378 10.63 -18.43 35.25
N MET B 379 11.82 -18.32 34.68
CA MET B 379 12.50 -17.04 34.53
C MET B 379 12.64 -16.61 33.07
N ARG B 380 12.39 -15.33 32.82
CA ARG B 380 12.49 -14.81 31.46
C ARG B 380 13.93 -14.56 31.07
N LYS B 381 14.22 -14.77 29.78
CA LYS B 381 15.55 -14.54 29.24
C LYS B 381 15.78 -13.05 29.00
N PHE B 382 14.71 -12.26 29.06
CA PHE B 382 14.79 -10.82 28.89
C PHE B 382 13.62 -10.17 29.62
N THR B 383 13.67 -8.85 29.80
CA THR B 383 12.61 -8.18 30.52
C THR B 383 12.15 -6.85 29.96
N THR B 384 12.69 -6.45 28.82
CA THR B 384 12.24 -5.20 28.25
C THR B 384 11.92 -5.52 26.82
N PRO B 385 11.04 -4.73 26.18
CA PRO B 385 10.70 -5.02 24.78
C PRO B 385 11.96 -5.03 23.91
N GLU B 386 12.70 -3.93 23.96
CA GLU B 386 13.92 -3.78 23.17
C GLU B 386 14.85 -4.96 23.35
N GLU B 387 15.00 -5.38 24.59
CA GLU B 387 15.84 -6.51 24.95
C GLU B 387 15.39 -7.73 24.15
N GLY B 388 14.12 -8.06 24.29
CA GLY B 388 13.54 -9.21 23.60
C GLY B 388 13.57 -9.11 22.09
N VAL B 389 13.38 -7.92 21.56
CA VAL B 389 13.41 -7.76 20.11
C VAL B 389 14.83 -7.97 19.56
N ARG B 390 15.84 -7.54 20.32
CA ARG B 390 17.23 -7.70 19.91
C ARG B 390 17.52 -9.19 19.81
N SER B 391 16.91 -9.94 20.71
CA SER B 391 17.08 -11.38 20.73
C SER B 391 16.36 -12.01 19.53
N TYR B 392 15.15 -11.56 19.26
CA TYR B 392 14.33 -12.08 18.17
C TYR B 392 14.91 -11.75 16.80
N ALA B 393 15.14 -10.47 16.56
CA ALA B 393 15.67 -10.03 15.29
C ALA B 393 16.95 -10.78 15.01
N SER B 394 17.81 -10.86 16.02
CA SER B 394 19.09 -11.53 15.88
C SER B 394 19.00 -13.00 15.54
N THR B 395 17.95 -13.69 15.99
CA THR B 395 17.84 -15.11 15.69
C THR B 395 16.70 -15.47 14.75
N HIS B 396 15.88 -14.51 14.36
CA HIS B 396 14.76 -14.81 13.47
C HIS B 396 14.73 -13.91 12.22
N TRP B 397 15.92 -13.39 11.88
CA TRP B 397 16.10 -12.53 10.73
C TRP B 397 15.54 -13.15 9.43
N HIS B 398 15.69 -14.46 9.25
CA HIS B 398 15.20 -15.10 8.04
C HIS B 398 13.71 -14.95 7.76
N THR B 399 12.89 -14.87 8.80
CA THR B 399 11.47 -14.77 8.58
C THR B 399 10.88 -13.36 8.52
N LEU B 400 11.69 -12.37 8.17
CA LEU B 400 11.20 -11.00 8.20
C LEU B 400 11.20 -10.48 6.76
N GLY B 401 11.30 -11.39 5.81
CA GLY B 401 11.32 -10.98 4.41
C GLY B 401 12.63 -11.39 3.76
N LYS B 402 12.56 -12.00 2.58
CA LYS B 402 13.77 -12.44 1.92
C LYS B 402 14.80 -11.33 2.00
N ASN B 403 14.45 -10.14 1.56
CA ASN B 403 15.37 -9.01 1.55
C ASN B 403 15.52 -8.26 2.86
N VAL B 404 14.40 -7.89 3.48
CA VAL B 404 14.48 -7.15 4.72
C VAL B 404 15.25 -8.01 5.71
N GLY B 405 14.81 -9.26 5.86
CA GLY B 405 15.47 -10.18 6.77
C GLY B 405 16.99 -10.26 6.60
N GLU B 406 17.46 -10.21 5.35
CA GLU B 406 18.89 -10.29 5.10
C GLU B 406 19.64 -9.01 5.45
N SER B 407 18.99 -7.87 5.31
CA SER B 407 19.64 -6.61 5.64
C SER B 407 19.85 -6.52 7.14
N ILE B 408 18.83 -6.92 7.88
CA ILE B 408 18.84 -6.91 9.33
C ILE B 408 19.92 -7.86 9.78
N ARG B 409 19.92 -9.05 9.18
CA ARG B 409 20.90 -10.08 9.50
C ARG B 409 22.32 -9.53 9.36
N GLU B 410 22.51 -8.53 8.52
CA GLU B 410 23.85 -7.99 8.34
C GLU B 410 24.08 -6.71 9.14
N TYR B 411 23.02 -6.26 9.80
CA TYR B 411 23.08 -5.08 10.64
C TYR B 411 21.73 -4.48 10.92
N PHE B 412 21.55 -4.05 12.16
CA PHE B 412 20.33 -3.43 12.62
C PHE B 412 20.70 -2.95 14.01
N GLU B 413 20.00 -1.94 14.48
CA GLU B 413 20.16 -1.50 15.85
C GLU B 413 18.81 -1.02 16.38
N ILE B 414 18.70 -0.91 17.70
CA ILE B 414 17.45 -0.47 18.31
C ILE B 414 17.57 0.95 18.86
N ILE B 415 16.80 1.85 18.28
CA ILE B 415 16.80 3.25 18.67
C ILE B 415 15.62 3.57 19.60
N SER B 416 15.85 4.36 20.64
CA SER B 416 14.78 4.72 21.59
C SER B 416 14.93 6.04 22.33
N GLY B 417 13.83 6.76 22.43
CA GLY B 417 13.83 8.02 23.14
C GLY B 417 14.64 9.16 22.55
N GLU B 418 15.39 9.81 23.43
CA GLU B 418 16.24 10.96 23.09
C GLU B 418 16.89 10.84 21.72
N LYS B 419 17.46 9.67 21.43
CA LYS B 419 18.13 9.43 20.17
C LYS B 419 17.14 9.13 19.03
N LEU B 420 16.02 8.51 19.36
CA LEU B 420 15.01 8.14 18.36
C LEU B 420 14.31 9.30 17.68
N PHE B 421 13.89 10.30 18.47
CA PHE B 421 13.19 11.48 17.97
C PHE B 421 13.98 12.27 16.94
N LYS B 422 15.25 11.94 16.79
CA LYS B 422 16.12 12.60 15.82
C LYS B 422 15.94 11.93 14.46
N GLU B 423 15.80 10.62 14.47
CA GLU B 423 15.62 9.89 13.22
C GLU B 423 14.43 10.48 12.49
N PRO B 424 14.37 10.31 11.16
CA PRO B 424 13.28 10.82 10.32
C PRO B 424 12.05 9.93 10.46
N VAL B 425 11.56 9.80 11.70
CA VAL B 425 10.41 8.97 11.97
C VAL B 425 9.30 9.71 12.71
N THR B 426 9.57 10.97 13.03
CA THR B 426 8.62 11.79 13.75
C THR B 426 7.19 11.71 13.23
N ALA B 427 6.98 11.99 11.95
CA ALA B 427 5.63 11.94 11.40
C ALA B 427 4.98 10.58 11.54
N GLU B 428 5.70 9.52 11.24
CA GLU B 428 5.12 8.19 11.38
C GLU B 428 4.74 7.93 12.85
N LEU B 429 5.60 8.36 13.77
CA LEU B 429 5.37 8.20 15.21
C LEU B 429 4.13 8.95 15.69
N CYS B 430 4.01 10.22 15.29
CA CYS B 430 2.87 11.05 15.66
C CYS B 430 1.62 10.37 15.17
N GLU B 431 1.66 9.99 13.89
CA GLU B 431 0.55 9.32 13.24
C GLU B 431 0.15 8.05 14.00
N MET B 432 1.16 7.23 14.33
CA MET B 432 0.98 5.96 15.03
C MET B 432 0.31 6.06 16.40
N MET B 433 0.53 7.20 17.08
CA MET B 433 -0.01 7.47 18.42
C MET B 433 -1.24 8.38 18.37
N GLY B 434 -1.69 8.71 17.18
CA GLY B 434 -2.86 9.55 17.05
C GLY B 434 -2.66 10.94 17.60
N VAL B 435 -1.41 11.32 17.82
CA VAL B 435 -1.12 12.67 18.31
C VAL B 435 -1.95 13.59 17.42
N LYS B 436 -2.53 14.64 17.95
CA LYS B 436 -3.34 15.50 17.09
C LYS B 436 -3.00 16.98 17.02
N ASP B 437 -3.02 17.52 15.80
CA ASP B 437 -2.77 18.93 15.48
C ASP B 437 -2.44 19.19 14.00
#